data_5CCL
#
_entry.id   5CCL
#
_cell.length_a   58.594
_cell.length_b   65.232
_cell.length_c   105.966
_cell.angle_alpha   90.000
_cell.angle_beta   90.000
_cell.angle_gamma   90.000
#
_symmetry.space_group_name_H-M   'P 21 21 21'
#
loop_
_entity.id
_entity.type
_entity.pdbx_description
1 polymer 'Histone-lysine N-methyltransferase SMYD3'
2 non-polymer 'ZINC ION'
3 non-polymer S-ADENOSYLMETHIONINE
4 non-polymer 2-oxidanylidene-N-piperidin-4-yl-1,3-dihydroindole-5-carboxamide
5 non-polymer 1,2-ETHANEDIOL
6 water water
#
_entity_poly.entity_id   1
_entity_poly.type   'polypeptide(L)'
_entity_poly.pdbx_seq_one_letter_code
;MEPLKVEKFATANRGNGLRAVTPLRPGELLFRSDPLAYTVCKGSRGVVCDRCLLGKEKLMRCSQCRVAKYCSAKCQKKAW
PDHKRECKCLKSCKPRYPPDSVRLLGRVVFKLMDGAPSESEKLYSFYDLESNINKLTEDKKEGLRQLVMTFQHFMREEIQ
DASQLPPAFDLFEAFAKVICNSFTICNAEMQEVGVGLYPSISLLNHSCDPNCSIVFNGPHLLLRAVRDIEVGEELTICYL
DMLMTSEERRKQLRDQYCFECDCFRCQTQDKDADMLTGDEQVWKEVQESLKKIEELKAHWKWEQVLAMCQAIISSNSERL
PDINIYQLKVLDCAMDACINLGLLEEALFYGTRTMEPYRIFFPGSHPVRGVQVMKVGKLQLHQGMFPQAMKNLRLAFDIM
RVTHGREHSLIEDLILLLEECDANIRASFULL
;
_entity_poly.pdbx_strand_id   A
#
loop_
_chem_comp.id
_chem_comp.type
_chem_comp.name
_chem_comp.formula
4ZW non-polymer 2-oxidanylidene-N-piperidin-4-yl-1,3-dihydroindole-5-carboxamide 'C14 H17 N3 O2'
EDO non-polymer 1,2-ETHANEDIOL 'C2 H6 O2'
SAM non-polymer S-ADENOSYLMETHIONINE 'C15 H22 N6 O5 S'
ZN non-polymer 'ZINC ION' 'Zn 2'
#
# COMPACT_ATOMS: atom_id res chain seq x y z
N PRO A 3 -18.71 23.65 -4.01
CA PRO A 3 -17.29 23.86 -4.36
C PRO A 3 -16.31 23.08 -3.47
N LEU A 4 -15.37 22.38 -4.07
CA LEU A 4 -14.38 21.65 -3.31
C LEU A 4 -13.32 22.64 -2.79
N LYS A 5 -12.49 22.18 -1.87
CA LYS A 5 -11.38 23.00 -1.41
C LYS A 5 -10.08 22.78 -2.23
N VAL A 6 -10.17 21.91 -3.22
CA VAL A 6 -9.04 21.57 -4.11
C VAL A 6 -9.53 21.62 -5.56
N GLU A 7 -8.60 21.74 -6.50
CA GLU A 7 -8.93 21.66 -7.91
C GLU A 7 -7.79 21.07 -8.73
N LYS A 8 -8.18 20.48 -9.83
CA LYS A 8 -7.26 20.16 -10.88
C LYS A 8 -6.68 21.38 -11.53
N PHE A 9 -5.40 21.34 -11.86
CA PHE A 9 -4.74 22.37 -12.64
C PHE A 9 -3.59 21.84 -13.47
N ALA A 10 -3.21 22.61 -14.46
CA ALA A 10 -2.09 22.29 -15.32
C ALA A 10 -0.85 22.94 -14.73
N THR A 11 0.13 22.11 -14.31
CA THR A 11 1.33 22.62 -13.75
C THR A 11 2.24 23.06 -14.90
N ALA A 12 3.26 23.81 -14.49
CA ALA A 12 4.32 24.26 -15.38
C ALA A 12 5.15 23.14 -16.01
N ASN A 13 5.51 22.13 -15.20
CA ASN A 13 6.44 21.14 -15.69
C ASN A 13 6.25 19.75 -15.14
N ARG A 14 5.11 19.48 -14.55
CA ARG A 14 4.87 18.10 -14.08
C ARG A 14 3.45 17.64 -14.42
N GLY A 15 2.95 18.04 -15.59
CA GLY A 15 1.67 17.55 -16.00
C GLY A 15 0.54 18.21 -15.26
N ASN A 16 -0.53 17.46 -15.09
CA ASN A 16 -1.61 17.93 -14.26
C ASN A 16 -1.28 17.71 -12.80
N GLY A 17 -1.93 18.49 -11.93
CA GLY A 17 -1.80 18.33 -10.50
C GLY A 17 -3.08 18.78 -9.78
N LEU A 18 -3.03 18.76 -8.45
CA LEU A 18 -4.09 19.20 -7.61
C LEU A 18 -3.57 20.34 -6.77
N ARG A 19 -4.36 21.42 -6.60
CA ARG A 19 -3.97 22.49 -5.74
C ARG A 19 -5.09 22.92 -4.79
N ALA A 20 -4.67 23.53 -3.69
CA ALA A 20 -5.62 24.11 -2.77
C ALA A 20 -6.22 25.39 -3.36
N VAL A 21 -7.54 25.54 -3.24
CA VAL A 21 -8.20 26.82 -3.63
C VAL A 21 -8.66 27.64 -2.43
N THR A 22 -8.30 27.19 -1.25
CA THR A 22 -8.53 27.88 0.02
C THR A 22 -7.50 27.30 1.01
N PRO A 23 -7.12 28.04 2.06
CA PRO A 23 -6.16 27.49 3.03
C PRO A 23 -6.68 26.21 3.65
N LEU A 24 -5.77 25.25 3.86
CA LEU A 24 -6.12 24.00 4.47
C LEU A 24 -5.32 23.82 5.74
N ARG A 25 -5.93 23.14 6.69
CA ARG A 25 -5.30 22.90 7.99
C ARG A 25 -4.92 21.43 8.16
N PRO A 26 -3.95 21.16 9.03
CA PRO A 26 -3.59 19.77 9.28
C PRO A 26 -4.80 18.94 9.66
N GLY A 27 -4.89 17.75 9.06
CA GLY A 27 -5.95 16.83 9.32
C GLY A 27 -7.19 16.96 8.45
N GLU A 28 -7.28 18.04 7.67
CA GLU A 28 -8.49 18.27 6.91
C GLU A 28 -8.67 17.17 5.87
N LEU A 29 -9.90 16.64 5.79
CA LEU A 29 -10.25 15.66 4.79
C LEU A 29 -10.50 16.38 3.47
N LEU A 30 -9.71 16.02 2.47
CA LEU A 30 -9.77 16.67 1.17
C LEU A 30 -10.57 15.91 0.12
N PHE A 31 -10.53 14.58 0.21
CA PHE A 31 -11.20 13.73 -0.75
C PHE A 31 -11.24 12.35 -0.19
N ARG A 32 -12.24 11.58 -0.60
CA ARG A 32 -12.27 10.18 -0.28
C ARG A 32 -12.82 9.40 -1.45
N SER A 33 -12.37 8.16 -1.56
CA SER A 33 -12.67 7.39 -2.74
C SER A 33 -12.67 5.91 -2.52
N ASP A 34 -13.64 5.22 -3.09
CA ASP A 34 -13.48 3.80 -3.35
C ASP A 34 -12.63 3.63 -4.63
N PRO A 35 -12.10 2.42 -4.87
CA PRO A 35 -11.34 2.25 -6.12
C PRO A 35 -12.20 2.18 -7.33
N LEU A 36 -11.65 2.65 -8.46
CA LEU A 36 -12.22 2.29 -9.75
C LEU A 36 -12.21 0.77 -9.93
N ALA A 37 -11.09 0.15 -9.58
CA ALA A 37 -10.87 -1.30 -9.63
C ALA A 37 -9.77 -1.62 -8.65
N TYR A 38 -9.82 -2.81 -8.07
CA TYR A 38 -8.77 -3.27 -7.16
C TYR A 38 -8.76 -4.76 -7.06
N THR A 39 -7.64 -5.28 -6.64
CA THR A 39 -7.49 -6.68 -6.39
C THR A 39 -6.56 -6.92 -5.22
N VAL A 40 -6.67 -8.08 -4.61
CA VAL A 40 -5.70 -8.57 -3.64
C VAL A 40 -4.37 -8.72 -4.35
N CYS A 41 -3.28 -8.45 -3.63
CA CYS A 41 -1.95 -8.60 -4.17
C CYS A 41 -1.49 -10.04 -4.06
N LYS A 42 -0.47 -10.31 -4.88
CA LYS A 42 0.11 -11.63 -5.01
C LYS A 42 0.39 -12.34 -3.69
N GLY A 43 1.07 -11.68 -2.78
CA GLY A 43 1.45 -12.37 -1.55
C GLY A 43 0.29 -12.65 -0.62
N SER A 44 -0.72 -11.80 -0.70
CA SER A 44 -1.84 -11.92 0.21
C SER A 44 -3.00 -12.73 -0.34
N ARG A 45 -2.90 -13.19 -1.59
CA ARG A 45 -3.97 -13.97 -2.19
C ARG A 45 -4.15 -15.26 -1.39
N GLY A 46 -5.38 -15.57 -1.05
CA GLY A 46 -5.62 -16.71 -0.16
C GLY A 46 -5.36 -16.57 1.33
N VAL A 47 -4.78 -15.45 1.76
CA VAL A 47 -4.65 -15.14 3.16
C VAL A 47 -5.62 -14.04 3.61
N VAL A 48 -5.95 -13.11 2.70
CA VAL A 48 -6.91 -12.06 3.00
C VAL A 48 -8.12 -12.21 2.07
N CYS A 49 -9.24 -11.71 2.51
CA CYS A 49 -10.46 -11.71 1.71
C CYS A 49 -10.30 -10.85 0.51
N ASP A 50 -10.71 -11.37 -0.64
CA ASP A 50 -10.62 -10.64 -1.90
C ASP A 50 -11.40 -9.34 -1.89
N ARG A 51 -12.49 -9.24 -1.10
N ARG A 51 -12.48 -9.24 -1.07
CA ARG A 51 -13.27 -8.01 -1.08
CA ARG A 51 -13.35 -8.09 -1.07
C ARG A 51 -12.79 -7.06 0.00
C ARG A 51 -12.91 -7.06 -0.01
N CYS A 52 -12.82 -7.49 1.25
CA CYS A 52 -12.62 -6.52 2.33
C CYS A 52 -11.14 -6.38 2.68
N LEU A 53 -10.27 -7.25 2.14
CA LEU A 53 -8.81 -7.16 2.36
C LEU A 53 -8.42 -7.36 3.83
N LEU A 54 -9.26 -8.11 4.58
CA LEU A 54 -8.93 -8.53 5.96
C LEU A 54 -8.44 -9.96 6.02
N GLY A 55 -7.47 -10.21 6.89
CA GLY A 55 -6.98 -11.54 7.13
C GLY A 55 -7.91 -12.28 8.09
N LYS A 56 -8.28 -13.50 7.74
CA LYS A 56 -9.09 -14.33 8.62
C LYS A 56 -8.54 -15.75 8.65
N GLU A 57 -8.92 -16.46 9.71
CA GLU A 57 -8.48 -17.82 9.97
C GLU A 57 -9.01 -18.64 8.82
N LYS A 58 -10.25 -18.34 8.43
CA LYS A 58 -10.97 -19.15 7.48
C LYS A 58 -11.53 -18.26 6.38
N LEU A 59 -11.10 -18.55 5.15
CA LEU A 59 -11.67 -18.00 3.93
C LEU A 59 -12.34 -19.12 3.16
N MET A 60 -13.39 -18.76 2.45
N MET A 60 -13.24 -18.77 2.23
CA MET A 60 -14.15 -19.69 1.68
CA MET A 60 -13.96 -19.72 1.35
C MET A 60 -13.86 -19.40 0.24
C MET A 60 -13.97 -19.31 -0.14
N ARG A 61 -13.52 -20.43 -0.50
N ARG A 61 -13.82 -20.27 -1.05
CA ARG A 61 -13.18 -20.27 -1.90
CA ARG A 61 -13.76 -20.00 -2.50
C ARG A 61 -14.43 -20.02 -2.75
C ARG A 61 -15.12 -19.68 -3.15
N CYS A 62 -14.31 -19.15 -3.76
N CYS A 62 -15.13 -18.81 -4.14
CA CYS A 62 -15.28 -19.11 -4.85
CA CYS A 62 -16.26 -18.65 -5.03
C CYS A 62 -15.36 -20.53 -5.37
C CYS A 62 -16.70 -19.99 -5.66
N SER A 63 -16.56 -21.10 -5.39
N SER A 63 -18.00 -20.33 -5.52
CA SER A 63 -16.68 -22.48 -5.89
CA SER A 63 -18.63 -21.58 -6.03
C SER A 63 -16.40 -22.64 -7.39
C SER A 63 -18.32 -21.74 -7.53
N GLN A 64 -16.58 -21.57 -8.17
N GLN A 64 -18.30 -20.60 -8.24
CA GLN A 64 -16.49 -21.67 -9.63
CA GLN A 64 -18.25 -20.61 -9.71
C GLN A 64 -15.04 -21.60 -10.09
C GLN A 64 -16.85 -20.79 -10.30
N CYS A 65 -14.24 -20.75 -9.46
N CYS A 65 -15.89 -19.95 -9.88
CA CYS A 65 -12.81 -20.66 -9.81
CA CYS A 65 -14.52 -20.09 -10.39
C CYS A 65 -11.89 -21.29 -8.76
C CYS A 65 -13.59 -20.87 -9.46
N ARG A 66 -12.25 -21.18 -7.49
N ARG A 66 -13.99 -21.04 -8.21
CA ARG A 66 -11.44 -21.75 -6.43
CA ARG A 66 -13.11 -21.68 -7.22
C ARG A 66 -10.13 -20.97 -6.21
C ARG A 66 -11.70 -21.00 -7.18
N VAL A 67 -10.11 -19.69 -6.67
N VAL A 67 -11.63 -19.68 -7.40
CA VAL A 67 -8.94 -18.81 -6.54
CA VAL A 67 -10.33 -18.97 -7.33
C VAL A 67 -9.25 -17.55 -5.72
C VAL A 67 -10.31 -17.80 -6.32
N ALA A 68 -10.39 -16.96 -6.01
N ALA A 68 -11.26 -16.88 -6.43
CA ALA A 68 -10.93 -15.86 -5.23
CA ALA A 68 -11.41 -15.86 -5.38
C ALA A 68 -11.60 -16.40 -4.00
C ALA A 68 -11.53 -16.51 -3.97
N LYS A 69 -11.21 -15.79 -2.89
CA LYS A 69 -11.52 -16.25 -1.54
C LYS A 69 -12.16 -15.13 -0.75
N TYR A 70 -13.18 -15.49 0.04
CA TYR A 70 -13.98 -14.54 0.81
C TYR A 70 -14.10 -14.93 2.27
N CYS A 71 -14.19 -13.93 3.15
CA CYS A 71 -14.35 -14.17 4.57
C CYS A 71 -15.76 -14.56 4.93
N SER A 72 -16.72 -14.34 4.02
CA SER A 72 -18.12 -14.33 4.40
C SER A 72 -19.02 -14.29 3.17
N ALA A 73 -20.27 -14.66 3.38
CA ALA A 73 -21.26 -14.52 2.37
C ALA A 73 -21.43 -13.06 2.02
N LYS A 74 -21.35 -12.17 3.01
CA LYS A 74 -21.50 -10.73 2.73
C LYS A 74 -20.47 -10.32 1.69
N CYS A 75 -19.24 -10.72 1.94
CA CYS A 75 -18.18 -10.33 0.97
C CYS A 75 -18.31 -10.98 -0.39
N GLN A 76 -18.65 -12.27 -0.44
CA GLN A 76 -18.82 -12.90 -1.73
C GLN A 76 -19.90 -12.16 -2.57
N LYS A 77 -20.96 -11.77 -1.90
CA LYS A 77 -22.14 -11.18 -2.56
C LYS A 77 -21.80 -9.77 -2.98
N LYS A 78 -21.14 -9.01 -2.09
CA LYS A 78 -20.84 -7.61 -2.43
C LYS A 78 -19.76 -7.56 -3.55
N ALA A 79 -18.93 -8.60 -3.64
CA ALA A 79 -17.87 -8.72 -4.63
C ALA A 79 -18.34 -9.20 -5.97
N TRP A 80 -19.50 -9.88 -6.01
CA TRP A 80 -19.77 -10.67 -7.21
C TRP A 80 -19.90 -9.80 -8.49
N PRO A 81 -20.52 -8.63 -8.39
CA PRO A 81 -20.62 -7.87 -9.65
C PRO A 81 -19.26 -7.65 -10.31
N ASP A 82 -18.24 -7.37 -9.50
CA ASP A 82 -16.91 -7.05 -10.02
C ASP A 82 -15.96 -8.28 -10.23
N HIS A 83 -16.36 -9.50 -9.81
CA HIS A 83 -15.58 -10.77 -9.97
C HIS A 83 -16.14 -11.66 -11.09
N LYS A 84 -17.40 -11.41 -11.39
CA LYS A 84 -18.26 -12.30 -12.21
C LYS A 84 -17.58 -12.59 -13.54
N ARG A 85 -17.00 -11.56 -14.18
CA ARG A 85 -16.40 -11.78 -15.49
C ARG A 85 -14.98 -12.34 -15.43
N GLU A 86 -14.18 -12.11 -14.36
N GLU A 86 -14.21 -11.73 -14.55
CA GLU A 86 -12.76 -12.70 -14.27
CA GLU A 86 -12.92 -12.24 -14.27
C GLU A 86 -12.58 -14.15 -13.78
C GLU A 86 -13.20 -13.63 -13.71
N CYS A 87 -13.64 -14.70 -13.19
N CYS A 87 -14.38 -13.84 -13.11
CA CYS A 87 -13.61 -15.98 -12.52
CA CYS A 87 -14.77 -15.20 -12.67
C CYS A 87 -13.17 -17.11 -13.47
C CYS A 87 -14.61 -16.20 -13.81
N LYS A 88 -13.85 -17.21 -14.60
N LYS A 88 -15.18 -15.89 -14.98
CA LYS A 88 -13.50 -18.17 -15.63
CA LYS A 88 -15.01 -16.74 -16.14
C LYS A 88 -12.01 -18.09 -15.99
C LYS A 88 -13.55 -16.83 -16.58
N CYS A 89 -11.47 -16.87 -16.07
N CYS A 89 -12.84 -15.71 -16.54
CA CYS A 89 -10.08 -16.66 -16.50
CA CYS A 89 -11.43 -15.70 -16.93
C CYS A 89 -9.07 -17.19 -15.46
C CYS A 89 -10.55 -16.45 -15.91
N LEU A 90 -9.39 -16.96 -14.19
N LEU A 90 -10.78 -16.19 -14.63
CA LEU A 90 -8.60 -17.44 -13.10
CA LEU A 90 -9.98 -16.82 -13.60
C LEU A 90 -8.62 -18.96 -13.00
C LEU A 90 -10.19 -18.34 -13.65
N LYS A 91 -9.76 -19.60 -13.24
N LYS A 91 -11.45 -18.76 -13.70
CA LYS A 91 -9.81 -21.07 -13.20
CA LYS A 91 -11.80 -20.14 -14.04
C LYS A 91 -8.94 -21.77 -14.26
C LYS A 91 -10.90 -20.62 -15.17
N SER A 92 -8.86 -21.16 -15.46
N SER A 92 -10.88 -19.83 -16.23
CA SER A 92 -8.08 -21.73 -16.57
CA SER A 92 -9.96 -19.96 -17.35
C SER A 92 -6.56 -21.73 -16.34
C SER A 92 -8.68 -20.76 -17.07
N CYS A 93 -6.04 -20.63 -15.80
N CYS A 93 -7.67 -20.08 -16.55
CA CYS A 93 -4.59 -20.46 -15.62
CA CYS A 93 -6.32 -20.61 -16.51
C CYS A 93 -3.96 -21.29 -14.49
C CYS A 93 -5.89 -21.17 -15.15
N LYS A 94 -4.61 -21.38 -13.33
N LYS A 94 -6.84 -21.47 -14.29
CA LYS A 94 -4.08 -22.24 -12.28
CA LYS A 94 -6.49 -22.18 -13.07
C LYS A 94 -3.74 -23.61 -12.91
C LYS A 94 -5.57 -23.33 -13.48
N PRO A 95 -2.79 -24.35 -12.30
N PRO A 95 -4.49 -23.57 -12.70
CA PRO A 95 -2.04 -24.01 -11.11
CA PRO A 95 -4.05 -22.87 -11.50
C PRO A 95 -1.09 -22.87 -11.43
C PRO A 95 -2.79 -21.98 -11.65
N ARG A 96 -1.68 -21.72 -11.73
N ARG A 96 -2.48 -21.52 -12.87
CA ARG A 96 -0.92 -20.54 -12.13
CA ARG A 96 -1.45 -20.49 -13.07
C ARG A 96 -1.87 -19.34 -12.23
C ARG A 96 -2.06 -19.16 -12.62
N TYR A 97 -1.26 -18.16 -12.21
CA TYR A 97 -1.92 -16.92 -11.78
C TYR A 97 -1.34 -15.71 -12.47
N PRO A 98 -2.21 -14.82 -13.00
CA PRO A 98 -1.69 -13.69 -13.76
C PRO A 98 -1.06 -12.66 -12.85
N PRO A 99 -0.17 -11.84 -13.39
CA PRO A 99 0.36 -10.67 -12.69
C PRO A 99 -0.78 -9.82 -12.13
N ASP A 100 -0.52 -9.18 -10.99
CA ASP A 100 -1.51 -8.31 -10.38
C ASP A 100 -1.99 -7.24 -11.38
N SER A 101 -1.08 -6.69 -12.19
CA SER A 101 -1.45 -5.60 -13.08
C SER A 101 -2.48 -6.05 -14.13
N VAL A 102 -2.31 -7.31 -14.55
CA VAL A 102 -3.22 -7.91 -15.51
C VAL A 102 -4.60 -8.13 -14.89
N ARG A 103 -4.67 -8.68 -13.68
CA ARG A 103 -5.98 -8.87 -13.04
C ARG A 103 -6.63 -7.52 -12.78
N LEU A 104 -5.82 -6.53 -12.40
CA LEU A 104 -6.33 -5.19 -12.19
C LEU A 104 -6.92 -4.59 -13.48
N LEU A 105 -6.15 -4.63 -14.57
CA LEU A 105 -6.63 -4.06 -15.83
C LEU A 105 -7.86 -4.81 -16.31
N GLY A 106 -7.92 -6.13 -16.07
CA GLY A 106 -9.16 -6.86 -16.41
C GLY A 106 -10.37 -6.24 -15.75
N ARG A 107 -10.25 -5.92 -14.47
CA ARG A 107 -11.36 -5.31 -13.77
C ARG A 107 -11.69 -3.89 -14.23
N VAL A 108 -10.67 -3.11 -14.62
CA VAL A 108 -10.93 -1.83 -15.22
C VAL A 108 -11.71 -2.00 -16.51
N VAL A 109 -11.28 -2.91 -17.37
CA VAL A 109 -11.91 -3.07 -18.67
C VAL A 109 -13.38 -3.48 -18.57
N PHE A 110 -13.71 -4.31 -17.55
CA PHE A 110 -15.10 -4.71 -17.27
C PHE A 110 -15.86 -3.57 -16.58
N LYS A 111 -15.22 -2.88 -15.63
CA LYS A 111 -15.88 -1.79 -14.86
C LYS A 111 -16.29 -0.69 -15.82
N LEU A 112 -15.46 -0.42 -16.83
CA LEU A 112 -15.80 0.56 -17.88
C LEU A 112 -17.06 0.17 -18.68
N MET A 113 -16.95 -0.89 -19.48
CA MET A 113 -18.07 -1.47 -20.26
C MET A 113 -19.38 -1.65 -19.47
N ASP A 114 -19.27 -2.41 -18.39
CA ASP A 114 -20.40 -3.00 -17.65
C ASP A 114 -20.89 -2.18 -16.46
N GLY A 115 -19.95 -1.46 -15.85
CA GLY A 115 -20.21 -0.77 -14.61
C GLY A 115 -20.74 0.62 -14.86
N ALA A 116 -21.59 1.08 -13.95
CA ALA A 116 -21.96 2.46 -13.96
C ALA A 116 -20.69 3.30 -13.74
N PRO A 117 -20.74 4.56 -14.18
CA PRO A 117 -19.60 5.45 -14.06
C PRO A 117 -19.19 5.50 -12.61
N SER A 118 -17.93 5.76 -12.36
CA SER A 118 -17.38 5.54 -11.06
C SER A 118 -17.11 6.88 -10.39
N GLU A 119 -17.52 7.00 -9.13
CA GLU A 119 -17.26 8.20 -8.37
C GLU A 119 -15.74 8.44 -8.18
N SER A 120 -14.94 7.37 -8.27
CA SER A 120 -13.49 7.50 -8.19
C SER A 120 -12.94 8.40 -9.27
N GLU A 121 -13.70 8.56 -10.34
CA GLU A 121 -13.26 9.37 -11.48
C GLU A 121 -13.80 10.82 -11.49
N LYS A 122 -14.30 11.30 -10.36
CA LYS A 122 -14.91 12.62 -10.34
C LYS A 122 -13.98 13.73 -10.81
N LEU A 123 -12.70 13.71 -10.38
CA LEU A 123 -11.79 14.76 -10.78
C LEU A 123 -10.95 14.47 -11.99
N TYR A 124 -10.77 13.19 -12.27
CA TYR A 124 -9.82 12.72 -13.27
C TYR A 124 -10.21 11.26 -13.55
N SER A 125 -10.21 10.89 -14.82
CA SER A 125 -10.64 9.57 -15.20
C SER A 125 -9.54 8.67 -15.66
N PHE A 126 -9.85 7.38 -15.83
CA PHE A 126 -8.88 6.46 -16.41
C PHE A 126 -8.32 6.99 -17.74
N TYR A 127 -9.20 7.51 -18.58
CA TYR A 127 -8.79 8.04 -19.84
C TYR A 127 -7.74 9.15 -19.77
N ASP A 128 -7.82 9.93 -18.69
CA ASP A 128 -6.96 11.10 -18.45
C ASP A 128 -5.57 10.73 -17.87
N LEU A 129 -5.40 9.51 -17.38
CA LEU A 129 -4.18 9.17 -16.63
C LEU A 129 -2.92 9.27 -17.46
N GLU A 130 -1.84 9.69 -16.79
CA GLU A 130 -0.56 9.79 -17.42
C GLU A 130 -0.03 8.42 -17.78
N SER A 131 0.56 8.31 -18.98
CA SER A 131 1.22 7.08 -19.39
C SER A 131 2.73 7.18 -19.54
N ASN A 132 3.25 8.40 -19.65
CA ASN A 132 4.68 8.62 -19.84
C ASN A 132 5.22 7.89 -21.06
N ILE A 133 4.41 7.72 -22.12
CA ILE A 133 4.84 6.82 -23.22
C ILE A 133 6.14 7.31 -23.87
N ASN A 134 6.32 8.63 -24.01
CA ASN A 134 7.54 9.12 -24.65
C ASN A 134 8.80 9.06 -23.80
N LYS A 135 8.67 8.60 -22.57
CA LYS A 135 9.80 8.43 -21.67
C LYS A 135 10.15 6.98 -21.37
N LEU A 136 9.33 6.04 -21.83
CA LEU A 136 9.62 4.65 -21.56
C LEU A 136 10.86 4.20 -22.33
N THR A 137 11.69 3.45 -21.63
CA THR A 137 12.87 2.87 -22.22
C THR A 137 12.45 1.60 -22.96
N GLU A 138 13.37 1.11 -23.76
CA GLU A 138 13.15 -0.09 -24.56
C GLU A 138 12.82 -1.27 -23.61
N ASP A 139 13.54 -1.38 -22.49
CA ASP A 139 13.30 -2.48 -21.56
C ASP A 139 11.87 -2.41 -21.01
N LYS A 140 11.42 -1.23 -20.67
N LYS A 140 11.45 -1.21 -20.65
CA LYS A 140 10.08 -1.11 -20.10
CA LYS A 140 10.11 -1.01 -20.09
C LYS A 140 9.00 -1.36 -21.14
C LYS A 140 9.03 -1.32 -21.12
N LYS A 141 9.24 -0.90 -22.36
CA LYS A 141 8.29 -1.19 -23.42
C LYS A 141 8.14 -2.66 -23.70
N GLU A 142 9.26 -3.39 -23.65
CA GLU A 142 9.24 -4.83 -23.79
C GLU A 142 8.39 -5.48 -22.69
N GLY A 143 8.56 -5.01 -21.47
CA GLY A 143 7.74 -5.54 -20.36
C GLY A 143 6.26 -5.25 -20.55
N LEU A 144 5.92 -4.06 -21.05
CA LEU A 144 4.53 -3.76 -21.36
C LEU A 144 3.96 -4.62 -22.48
N ARG A 145 4.76 -4.88 -23.52
CA ARG A 145 4.33 -5.76 -24.59
C ARG A 145 4.01 -7.14 -24.02
N GLN A 146 4.82 -7.65 -23.08
CA GLN A 146 4.50 -8.96 -22.50
C GLN A 146 3.22 -8.92 -21.70
N LEU A 147 3.00 -7.82 -20.93
CA LEU A 147 1.76 -7.72 -20.18
C LEU A 147 0.54 -7.74 -21.11
N VAL A 148 0.64 -7.06 -22.27
CA VAL A 148 -0.43 -7.05 -23.23
C VAL A 148 -0.73 -8.47 -23.73
N MET A 149 0.32 -9.22 -24.04
CA MET A 149 0.11 -10.61 -24.47
C MET A 149 -0.50 -11.48 -23.38
N THR A 150 -0.04 -11.29 -22.16
CA THR A 150 -0.58 -12.00 -21.00
C THR A 150 -2.05 -11.70 -20.82
N PHE A 151 -2.40 -10.41 -20.91
CA PHE A 151 -3.79 -9.98 -20.83
C PHE A 151 -4.67 -10.58 -21.94
N GLN A 152 -4.15 -10.55 -23.17
CA GLN A 152 -4.95 -11.06 -24.29
C GLN A 152 -5.23 -12.56 -24.06
N HIS A 153 -4.26 -13.31 -23.52
CA HIS A 153 -4.46 -14.74 -23.15
C HIS A 153 -5.47 -14.90 -22.01
N PHE A 154 -5.35 -14.08 -20.97
CA PHE A 154 -6.20 -14.18 -19.77
C PHE A 154 -7.66 -13.93 -20.07
N MET A 155 -7.88 -12.96 -20.94
CA MET A 155 -9.22 -12.48 -21.26
C MET A 155 -9.73 -13.06 -22.57
N ARG A 156 -9.03 -14.01 -23.18
CA ARG A 156 -9.55 -14.53 -24.45
C ARG A 156 -10.92 -15.13 -24.15
N GLU A 157 -11.06 -15.77 -22.99
CA GLU A 157 -12.36 -16.22 -22.49
C GLU A 157 -13.44 -15.14 -22.67
N GLU A 158 -13.26 -13.99 -22.02
CA GLU A 158 -14.31 -12.97 -21.94
C GLU A 158 -14.18 -11.80 -22.91
N ILE A 159 -13.02 -11.66 -23.54
CA ILE A 159 -12.71 -10.53 -24.42
C ILE A 159 -11.89 -11.03 -25.61
N GLN A 160 -12.53 -11.16 -26.77
CA GLN A 160 -11.85 -11.60 -27.99
C GLN A 160 -11.56 -10.45 -28.95
N ASP A 161 -12.39 -9.41 -28.92
CA ASP A 161 -12.27 -8.32 -29.89
C ASP A 161 -12.60 -6.95 -29.28
N ALA A 162 -12.45 -5.91 -30.12
CA ALA A 162 -12.77 -4.52 -29.77
C ALA A 162 -14.11 -4.36 -29.02
N SER A 163 -15.11 -5.17 -29.39
CA SER A 163 -16.45 -5.12 -28.78
C SER A 163 -16.49 -5.16 -27.25
N GLN A 164 -15.60 -5.98 -26.67
CA GLN A 164 -15.57 -6.16 -25.20
C GLN A 164 -14.57 -5.21 -24.49
N LEU A 165 -13.68 -4.56 -25.27
CA LEU A 165 -12.82 -3.45 -24.79
C LEU A 165 -13.43 -2.08 -25.09
N PRO A 166 -13.14 -1.08 -24.25
CA PRO A 166 -13.78 0.24 -24.40
C PRO A 166 -13.46 0.95 -25.72
N PRO A 167 -14.26 1.98 -26.08
CA PRO A 167 -14.01 2.78 -27.29
C PRO A 167 -12.55 3.28 -27.44
N ALA A 168 -11.91 2.88 -28.54
CA ALA A 168 -10.52 3.25 -28.87
C ALA A 168 -9.52 2.88 -27.77
N PHE A 169 -9.64 1.65 -27.27
CA PHE A 169 -8.82 1.19 -26.15
C PHE A 169 -7.52 0.54 -26.63
N ASP A 170 -6.42 1.11 -26.15
CA ASP A 170 -5.11 0.65 -26.48
C ASP A 170 -4.54 0.01 -25.22
N LEU A 171 -4.32 -1.30 -25.31
CA LEU A 171 -3.85 -2.08 -24.18
C LEU A 171 -2.46 -1.72 -23.74
N PHE A 172 -1.59 -1.38 -24.69
CA PHE A 172 -0.22 -0.99 -24.35
C PHE A 172 -0.26 0.30 -23.50
N GLU A 173 -1.00 1.29 -23.99
CA GLU A 173 -1.16 2.57 -23.24
C GLU A 173 -1.84 2.32 -21.90
N ALA A 174 -2.81 1.40 -21.87
CA ALA A 174 -3.52 1.12 -20.61
C ALA A 174 -2.57 0.55 -19.55
N PHE A 175 -1.72 -0.42 -19.95
CA PHE A 175 -0.71 -0.93 -19.02
C PHE A 175 0.28 0.15 -18.62
N ALA A 176 0.65 1.04 -19.56
CA ALA A 176 1.54 2.15 -19.18
C ALA A 176 0.94 3.01 -18.09
N LYS A 177 -0.37 3.27 -18.22
CA LYS A 177 -1.11 4.00 -17.18
C LYS A 177 -1.11 3.22 -15.86
N VAL A 178 -1.35 1.91 -15.93
CA VAL A 178 -1.38 1.08 -14.72
C VAL A 178 -0.02 1.13 -13.98
N ILE A 179 1.12 1.16 -14.69
CA ILE A 179 2.46 1.20 -14.01
C ILE A 179 2.62 2.40 -13.11
N CYS A 180 2.23 3.58 -13.59
CA CYS A 180 2.51 4.77 -12.83
C CYS A 180 1.34 5.34 -12.08
N ASN A 181 0.20 4.62 -12.09
CA ASN A 181 -0.98 5.08 -11.34
C ASN A 181 -1.61 4.04 -10.41
N SER A 182 -0.95 2.91 -10.21
CA SER A 182 -1.38 1.84 -9.32
C SER A 182 -1.01 2.12 -7.87
N PHE A 183 -2.01 2.15 -7.00
CA PHE A 183 -1.82 2.34 -5.56
C PHE A 183 -1.68 1.01 -4.86
N THR A 184 -0.66 0.88 -4.02
CA THR A 184 -0.61 -0.25 -3.13
C THR A 184 -1.54 0.01 -1.94
N ILE A 185 -2.50 -0.88 -1.71
CA ILE A 185 -3.48 -0.77 -0.64
C ILE A 185 -2.87 -1.47 0.57
N CYS A 186 -2.83 -0.78 1.71
CA CYS A 186 -2.32 -1.33 2.96
C CYS A 186 -3.45 -1.52 3.94
N ASN A 187 -3.33 -2.58 4.75
CA ASN A 187 -4.30 -2.82 5.78
C ASN A 187 -4.08 -1.89 6.99
N ALA A 188 -4.89 -2.07 8.02
CA ALA A 188 -4.86 -1.16 9.18
C ALA A 188 -3.48 -1.18 9.83
N GLU A 189 -2.82 -2.34 9.77
CA GLU A 189 -1.48 -2.58 10.35
C GLU A 189 -0.33 -2.22 9.41
N MET A 190 -0.68 -1.64 8.24
CA MET A 190 0.26 -1.18 7.22
C MET A 190 0.97 -2.29 6.45
N GLN A 191 0.37 -3.48 6.46
CA GLN A 191 0.77 -4.59 5.59
C GLN A 191 0.20 -4.33 4.19
N GLU A 192 1.02 -4.49 3.16
CA GLU A 192 0.54 -4.38 1.79
C GLU A 192 -0.36 -5.57 1.50
N VAL A 193 -1.59 -5.32 1.08
CA VAL A 193 -2.59 -6.39 0.82
C VAL A 193 -3.31 -6.29 -0.53
N GLY A 194 -3.24 -5.16 -1.26
CA GLY A 194 -3.97 -5.05 -2.51
C GLY A 194 -3.32 -4.02 -3.43
N VAL A 195 -3.87 -3.89 -4.61
CA VAL A 195 -3.50 -2.87 -5.55
C VAL A 195 -4.78 -2.36 -6.18
N GLY A 196 -4.83 -1.05 -6.37
CA GLY A 196 -5.97 -0.44 -6.98
C GLY A 196 -5.72 0.82 -7.77
N LEU A 197 -6.72 1.22 -8.57
CA LEU A 197 -6.71 2.48 -9.28
C LEU A 197 -7.72 3.40 -8.63
N TYR A 198 -7.29 4.65 -8.40
CA TYR A 198 -8.06 5.72 -7.80
C TYR A 198 -7.77 6.94 -8.63
N PRO A 199 -8.43 7.07 -9.79
CA PRO A 199 -7.94 8.07 -10.73
C PRO A 199 -7.93 9.53 -10.28
N SER A 200 -8.87 9.95 -9.47
CA SER A 200 -8.86 11.30 -8.95
C SER A 200 -7.66 11.54 -8.05
N ILE A 201 -7.28 10.53 -7.28
CA ILE A 201 -6.11 10.65 -6.39
C ILE A 201 -4.79 10.64 -7.18
N SER A 202 -4.83 10.03 -8.38
CA SER A 202 -3.68 10.07 -9.25
C SER A 202 -3.34 11.45 -9.76
N LEU A 203 -4.17 12.47 -9.51
CA LEU A 203 -3.80 13.81 -9.85
C LEU A 203 -2.66 14.33 -9.02
N LEU A 204 -2.47 13.80 -7.81
N LEU A 204 -2.47 13.82 -7.81
CA LEU A 204 -1.45 14.34 -6.91
CA LEU A 204 -1.45 14.41 -6.95
C LEU A 204 -0.05 14.00 -7.38
C LEU A 204 -0.06 14.02 -7.39
N ASN A 205 0.77 15.02 -7.55
CA ASN A 205 2.17 14.81 -7.78
C ASN A 205 2.91 14.43 -6.48
N HIS A 206 4.15 13.97 -6.68
CA HIS A 206 4.99 13.43 -5.62
C HIS A 206 5.85 14.50 -4.97
N SER A 207 6.09 14.32 -3.68
CA SER A 207 7.21 14.95 -3.02
C SER A 207 7.76 13.99 -1.98
N CYS A 208 9.07 14.09 -1.73
CA CYS A 208 9.69 13.32 -0.64
C CYS A 208 9.44 14.02 0.72
N ASP A 209 8.83 15.23 0.68
CA ASP A 209 8.40 15.98 1.89
C ASP A 209 7.03 16.59 1.60
N PRO A 210 6.02 15.72 1.60
CA PRO A 210 4.71 16.11 1.07
C PRO A 210 3.83 16.89 2.04
N ASN A 211 2.82 17.55 1.50
CA ASN A 211 1.90 18.24 2.38
C ASN A 211 0.57 17.53 2.61
N CYS A 212 0.33 16.39 1.95
CA CYS A 212 -0.85 15.57 2.16
C CYS A 212 -0.41 14.12 2.34
N SER A 213 -1.36 13.30 2.76
CA SER A 213 -1.17 11.89 2.91
C SER A 213 -2.44 11.15 2.56
N ILE A 214 -2.27 9.94 2.06
CA ILE A 214 -3.37 9.00 1.93
C ILE A 214 -3.28 7.87 2.92
N VAL A 215 -4.45 7.37 3.28
CA VAL A 215 -4.56 6.22 4.15
C VAL A 215 -5.71 5.35 3.67
N PHE A 216 -5.57 4.06 3.88
CA PHE A 216 -6.61 3.11 3.50
C PHE A 216 -7.35 2.53 4.67
N ASN A 217 -8.66 2.42 4.53
CA ASN A 217 -9.55 1.76 5.48
C ASN A 217 -10.23 0.68 4.63
N GLY A 218 -9.69 -0.54 4.64
CA GLY A 218 -10.06 -1.52 3.66
C GLY A 218 -9.72 -0.93 2.28
N PRO A 219 -10.55 -1.16 1.25
CA PRO A 219 -10.29 -0.55 -0.07
C PRO A 219 -10.53 0.94 -0.13
N HIS A 220 -11.11 1.55 0.93
CA HIS A 220 -11.49 2.93 0.86
C HIS A 220 -10.27 3.83 1.17
N LEU A 221 -10.11 4.88 0.39
CA LEU A 221 -8.98 5.78 0.49
C LEU A 221 -9.43 7.16 1.03
N LEU A 222 -8.70 7.69 2.04
CA LEU A 222 -8.90 9.02 2.57
C LEU A 222 -7.66 9.84 2.25
N LEU A 223 -7.84 11.03 1.68
CA LEU A 223 -6.78 11.98 1.40
C LEU A 223 -6.92 13.13 2.40
N ARG A 224 -5.85 13.41 3.14
CA ARG A 224 -5.84 14.44 4.19
C ARG A 224 -4.64 15.35 4.05
N ALA A 225 -4.81 16.64 4.39
CA ALA A 225 -3.69 17.52 4.57
C ALA A 225 -2.94 17.10 5.84
N VAL A 226 -1.61 17.17 5.80
CA VAL A 226 -0.84 16.83 6.98
C VAL A 226 0.00 17.98 7.53
N ARG A 227 -0.23 19.15 6.99
CA ARG A 227 0.30 20.38 7.56
C ARG A 227 -0.51 21.52 6.98
N ASP A 228 -0.23 22.75 7.43
CA ASP A 228 -0.92 23.90 6.87
C ASP A 228 -0.49 24.06 5.42
N ILE A 229 -1.47 24.39 4.58
CA ILE A 229 -1.31 24.55 3.16
C ILE A 229 -1.96 25.88 2.73
N GLU A 230 -1.17 26.67 2.01
CA GLU A 230 -1.60 28.00 1.60
C GLU A 230 -2.46 27.95 0.35
N VAL A 231 -3.29 28.96 0.13
CA VAL A 231 -4.09 29.03 -1.10
C VAL A 231 -3.17 29.01 -2.31
N GLY A 232 -3.59 28.19 -3.29
CA GLY A 232 -2.86 28.02 -4.52
C GLY A 232 -1.72 27.01 -4.47
N GLU A 233 -1.40 26.49 -3.28
CA GLU A 233 -0.23 25.60 -3.15
C GLU A 233 -0.60 24.23 -3.76
N GLU A 234 0.33 23.66 -4.51
CA GLU A 234 0.12 22.34 -5.06
C GLU A 234 0.16 21.29 -3.94
N LEU A 235 -0.78 20.36 -4.03
CA LEU A 235 -0.93 19.28 -3.10
C LEU A 235 -0.06 18.09 -3.56
N THR A 236 0.70 17.53 -2.64
CA THR A 236 1.61 16.43 -2.93
C THR A 236 1.45 15.30 -1.91
N ILE A 237 1.74 14.10 -2.38
CA ILE A 237 1.90 12.95 -1.50
C ILE A 237 3.22 12.30 -1.79
N CYS A 238 3.70 11.46 -0.87
CA CYS A 238 4.95 10.76 -1.13
C CYS A 238 4.60 9.42 -1.72
N TYR A 239 5.11 9.15 -2.92
CA TYR A 239 4.84 7.88 -3.60
C TYR A 239 5.55 6.69 -3.01
N LEU A 240 6.53 6.99 -2.14
CA LEU A 240 7.54 6.03 -1.75
C LEU A 240 7.62 5.74 -0.27
N ASP A 241 8.14 4.57 0.09
N ASP A 241 8.15 4.58 0.07
CA ASP A 241 8.56 4.22 1.47
CA ASP A 241 8.57 4.28 1.43
C ASP A 241 9.54 5.27 1.96
C ASP A 241 9.53 5.31 1.95
N MET A 242 9.41 5.69 3.22
CA MET A 242 10.31 6.68 3.79
C MET A 242 11.71 6.15 4.06
N LEU A 243 11.83 4.82 4.22
CA LEU A 243 13.13 4.27 4.61
C LEU A 243 13.91 3.95 3.36
N MET A 244 14.35 5.03 2.68
CA MET A 244 15.04 4.94 1.38
C MET A 244 16.02 6.12 1.29
N THR A 245 17.23 5.85 0.79
CA THR A 245 18.14 6.90 0.50
C THR A 245 17.70 7.64 -0.75
N SER A 246 18.29 8.80 -0.98
CA SER A 246 17.94 9.57 -2.16
C SER A 246 18.29 8.82 -3.46
N GLU A 247 19.39 8.07 -3.47
N GLU A 247 19.38 8.06 -3.46
CA GLU A 247 19.76 7.20 -4.64
CA GLU A 247 19.71 7.23 -4.60
C GLU A 247 18.68 6.15 -4.90
C GLU A 247 18.67 6.16 -4.89
N GLU A 248 18.19 5.52 -3.83
CA GLU A 248 17.10 4.54 -3.96
C GLU A 248 15.81 5.16 -4.44
N ARG A 249 15.50 6.33 -3.91
CA ARG A 249 14.32 7.02 -4.36
C ARG A 249 14.43 7.40 -5.83
N ARG A 250 15.61 7.84 -6.21
CA ARG A 250 15.83 8.25 -7.61
C ARG A 250 15.58 7.07 -8.55
N LYS A 251 16.04 5.90 -8.17
CA LYS A 251 15.83 4.71 -9.02
C LYS A 251 14.38 4.39 -9.19
N GLN A 252 13.64 4.40 -8.08
CA GLN A 252 12.26 4.00 -8.18
C GLN A 252 11.45 5.05 -8.94
N LEU A 253 11.73 6.34 -8.71
CA LEU A 253 10.97 7.40 -9.40
C LEU A 253 11.26 7.40 -10.89
N ARG A 254 12.51 7.11 -11.28
CA ARG A 254 12.79 6.91 -12.69
C ARG A 254 12.10 5.68 -13.25
N ASP A 255 12.29 4.53 -12.58
CA ASP A 255 11.91 3.24 -13.16
C ASP A 255 10.38 3.09 -13.26
N GLN A 256 9.68 3.61 -12.25
CA GLN A 256 8.24 3.43 -12.18
C GLN A 256 7.48 4.66 -12.68
N TYR A 257 8.03 5.85 -12.45
CA TYR A 257 7.28 7.11 -12.67
C TYR A 257 7.90 8.03 -13.70
N CYS A 258 9.06 7.65 -14.26
CA CYS A 258 9.69 8.45 -15.31
C CYS A 258 9.82 9.93 -14.97
N PHE A 259 10.34 10.23 -13.79
CA PHE A 259 10.75 11.61 -13.51
C PHE A 259 11.93 11.71 -12.58
N GLU A 260 12.51 12.91 -12.59
CA GLU A 260 13.64 13.27 -11.76
C GLU A 260 13.12 14.21 -10.67
N CYS A 261 13.27 13.82 -9.39
CA CYS A 261 12.65 14.59 -8.31
C CYS A 261 13.53 15.82 -7.99
N ASP A 262 12.92 17.00 -8.00
CA ASP A 262 13.62 18.23 -7.65
C ASP A 262 13.31 18.73 -6.26
N CYS A 263 12.72 17.90 -5.40
CA CYS A 263 12.34 18.39 -4.09
C CYS A 263 13.59 18.73 -3.27
N PHE A 264 13.41 19.54 -2.23
CA PHE A 264 14.57 19.99 -1.48
C PHE A 264 15.30 18.87 -0.78
N ARG A 265 14.57 17.84 -0.37
CA ARG A 265 15.24 16.67 0.20
C ARG A 265 16.20 15.99 -0.76
N CYS A 266 15.80 15.88 -2.01
CA CYS A 266 16.65 15.29 -3.02
C CYS A 266 17.83 16.25 -3.35
N GLN A 267 17.59 17.56 -3.38
CA GLN A 267 18.67 18.51 -3.65
C GLN A 267 19.74 18.48 -2.54
N THR A 268 19.34 18.20 -1.29
CA THR A 268 20.27 18.22 -0.15
C THR A 268 20.76 16.82 0.28
N GLN A 269 20.20 15.77 -0.34
CA GLN A 269 20.52 14.41 0.08
C GLN A 269 20.19 14.21 1.58
N ASP A 270 19.14 14.90 2.03
CA ASP A 270 18.66 14.92 3.40
C ASP A 270 18.60 13.51 4.00
N LYS A 271 19.36 13.28 5.07
CA LYS A 271 19.37 12.03 5.87
C LYS A 271 20.14 10.86 5.33
N ASP A 272 20.65 10.96 4.11
CA ASP A 272 21.28 9.79 3.49
C ASP A 272 22.44 9.21 4.32
N ALA A 273 23.31 10.03 4.78
CA ALA A 273 24.41 9.48 5.50
C ALA A 273 23.95 8.82 6.85
N ASP A 274 23.01 9.47 7.57
CA ASP A 274 22.51 8.87 8.84
C ASP A 274 21.83 7.49 8.64
N MET A 275 21.30 7.32 7.44
CA MET A 275 20.59 6.10 7.12
C MET A 275 21.50 4.91 6.98
N LEU A 276 22.80 5.18 6.69
CA LEU A 276 23.73 4.11 6.40
C LEU A 276 24.86 4.00 7.43
N THR A 277 24.56 4.38 8.67
CA THR A 277 25.56 4.20 9.73
C THR A 277 25.80 2.74 10.09
N GLY A 278 26.95 2.45 10.69
CA GLY A 278 27.32 1.09 11.07
C GLY A 278 28.27 0.45 10.06
N ASP A 279 28.58 -0.83 10.31
N ASP A 279 28.59 -0.81 10.34
CA ASP A 279 29.58 -1.54 9.53
CA ASP A 279 29.60 -1.55 9.57
C ASP A 279 29.00 -1.97 8.21
C ASP A 279 29.00 -1.96 8.23
N GLU A 280 29.60 -1.47 7.14
CA GLU A 280 29.20 -1.83 5.78
C GLU A 280 29.11 -3.33 5.49
N GLN A 281 30.01 -4.14 6.03
CA GLN A 281 29.94 -5.58 5.74
C GLN A 281 28.60 -6.10 6.18
N VAL A 282 28.17 -5.63 7.37
CA VAL A 282 26.99 -6.12 7.97
C VAL A 282 25.75 -5.54 7.25
N TRP A 283 25.68 -4.24 7.02
CA TRP A 283 24.42 -3.73 6.46
C TRP A 283 24.27 -4.10 5.00
N LYS A 284 25.36 -4.31 4.27
CA LYS A 284 25.20 -4.81 2.91
C LYS A 284 24.57 -6.21 2.92
N GLU A 285 25.00 -7.05 3.86
CA GLU A 285 24.49 -8.41 3.95
C GLU A 285 23.01 -8.37 4.40
N VAL A 286 22.69 -7.43 5.32
CA VAL A 286 21.31 -7.30 5.79
C VAL A 286 20.40 -6.83 4.66
N GLN A 287 20.86 -5.84 3.92
CA GLN A 287 20.15 -5.41 2.73
C GLN A 287 19.85 -6.61 1.81
N GLU A 288 20.85 -7.49 1.58
CA GLU A 288 20.61 -8.65 0.75
C GLU A 288 19.57 -9.60 1.37
N SER A 289 19.68 -9.87 2.67
CA SER A 289 18.76 -10.74 3.39
C SER A 289 17.33 -10.22 3.38
N LEU A 290 17.18 -8.90 3.40
CA LEU A 290 15.85 -8.29 3.38
C LEU A 290 15.06 -8.62 2.12
N LYS A 291 15.74 -8.98 1.03
CA LYS A 291 15.00 -9.39 -0.18
C LYS A 291 14.13 -10.61 0.14
N LYS A 292 14.75 -11.60 0.77
CA LYS A 292 14.02 -12.79 1.21
C LYS A 292 13.03 -12.49 2.31
N ILE A 293 13.47 -11.74 3.31
CA ILE A 293 12.60 -11.46 4.45
C ILE A 293 11.32 -10.74 3.98
N GLU A 294 11.47 -9.77 3.12
CA GLU A 294 10.32 -9.02 2.61
C GLU A 294 9.40 -9.87 1.78
N GLU A 295 9.95 -10.79 0.98
CA GLU A 295 9.11 -11.74 0.24
C GLU A 295 8.33 -12.64 1.18
N LEU A 296 8.98 -13.18 2.22
CA LEU A 296 8.28 -14.02 3.18
C LEU A 296 7.16 -13.23 3.86
N LYS A 297 7.44 -12.00 4.26
CA LYS A 297 6.45 -11.16 4.92
C LYS A 297 5.27 -10.89 4.00
N ALA A 298 5.55 -10.64 2.73
CA ALA A 298 4.47 -10.37 1.77
C ALA A 298 3.50 -11.55 1.67
N HIS A 299 4.02 -12.76 1.90
CA HIS A 299 3.25 -14.00 1.92
C HIS A 299 2.80 -14.45 3.32
N TRP A 300 2.92 -13.54 4.28
CA TRP A 300 2.46 -13.76 5.64
C TRP A 300 3.12 -14.99 6.31
N LYS A 301 4.36 -15.27 5.95
N LYS A 301 4.36 -15.27 5.94
CA LYS A 301 5.05 -16.46 6.47
CA LYS A 301 5.07 -16.44 6.44
C LYS A 301 5.82 -16.01 7.71
C LYS A 301 5.83 -16.00 7.71
N TRP A 302 5.08 -15.76 8.77
CA TRP A 302 5.65 -15.09 9.95
C TRP A 302 6.73 -15.85 10.70
N GLU A 303 6.56 -17.17 10.84
CA GLU A 303 7.58 -17.96 11.54
C GLU A 303 8.92 -17.84 10.82
N GLN A 304 8.88 -17.93 9.49
CA GLN A 304 10.11 -17.81 8.69
C GLN A 304 10.69 -16.41 8.72
N VAL A 305 9.82 -15.41 8.70
CA VAL A 305 10.31 -14.04 8.84
C VAL A 305 11.04 -13.90 10.16
N LEU A 306 10.39 -14.34 11.23
CA LEU A 306 10.94 -14.13 12.55
C LEU A 306 12.30 -14.81 12.70
N ALA A 307 12.43 -16.04 12.22
CA ALA A 307 13.70 -16.71 12.34
C ALA A 307 14.84 -15.96 11.64
N MET A 308 14.58 -15.49 10.43
CA MET A 308 15.56 -14.73 9.71
C MET A 308 15.90 -13.43 10.40
N CYS A 309 14.89 -12.76 10.92
CA CYS A 309 15.17 -11.51 11.61
C CYS A 309 15.95 -11.70 12.91
N GLN A 310 15.64 -12.75 13.66
CA GLN A 310 16.33 -13.01 14.94
C GLN A 310 17.81 -13.30 14.69
N ALA A 311 18.11 -13.94 13.56
CA ALA A 311 19.51 -14.25 13.20
C ALA A 311 20.34 -13.01 13.02
N ILE A 312 19.68 -11.92 12.65
CA ILE A 312 20.31 -10.61 12.46
C ILE A 312 20.28 -9.79 13.77
N ILE A 313 19.10 -9.64 14.36
CA ILE A 313 18.95 -8.76 15.53
C ILE A 313 19.81 -9.25 16.70
N SER A 314 19.81 -10.56 16.87
CA SER A 314 20.54 -11.19 18.01
C SER A 314 21.70 -12.01 17.46
N SER A 315 22.33 -11.55 16.38
CA SER A 315 23.48 -12.25 15.83
C SER A 315 24.61 -12.38 16.84
N ASN A 316 25.32 -13.49 16.73
CA ASN A 316 26.56 -13.64 17.49
C ASN A 316 27.63 -12.72 16.90
N SER A 317 27.52 -12.49 15.59
CA SER A 317 28.38 -11.58 14.88
C SER A 317 27.97 -10.10 14.98
N GLU A 318 28.71 -9.22 14.32
CA GLU A 318 28.58 -7.78 14.49
C GLU A 318 27.16 -7.32 14.18
N ARG A 319 26.74 -6.25 14.89
CA ARG A 319 25.40 -5.75 14.82
C ARG A 319 25.39 -4.31 14.34
N LEU A 320 24.20 -3.85 13.96
CA LEU A 320 24.02 -2.50 13.42
C LEU A 320 23.24 -1.60 14.39
N PRO A 321 23.45 -0.28 14.26
CA PRO A 321 22.58 0.67 14.94
C PRO A 321 21.15 0.61 14.43
N ASP A 322 20.19 0.87 15.30
CA ASP A 322 18.80 0.80 14.91
C ASP A 322 18.38 1.89 13.92
N ILE A 323 19.15 2.98 13.83
N ILE A 323 19.17 2.97 13.83
CA ILE A 323 18.88 4.00 12.82
CA ILE A 323 18.93 4.05 12.87
C ILE A 323 19.34 3.61 11.42
C ILE A 323 19.45 3.70 11.46
N ASN A 324 20.16 2.58 11.30
CA ASN A 324 20.52 2.09 9.96
C ASN A 324 19.24 1.54 9.34
N ILE A 325 18.89 2.01 8.13
CA ILE A 325 17.56 1.73 7.62
C ILE A 325 17.33 0.26 7.40
N TYR A 326 18.38 -0.48 7.09
CA TYR A 326 18.22 -1.92 6.84
C TYR A 326 17.96 -2.65 8.16
N GLN A 327 18.74 -2.30 9.19
CA GLN A 327 18.46 -2.79 10.52
C GLN A 327 17.04 -2.45 10.96
N LEU A 328 16.63 -1.21 10.68
CA LEU A 328 15.31 -0.74 11.10
C LEU A 328 14.19 -1.57 10.44
N LYS A 329 14.36 -1.87 9.17
CA LYS A 329 13.39 -2.68 8.44
C LYS A 329 13.32 -4.10 9.03
N VAL A 330 14.47 -4.63 9.44
CA VAL A 330 14.50 -5.96 10.08
C VAL A 330 13.75 -5.91 11.43
N LEU A 331 13.97 -4.86 12.23
CA LEU A 331 13.24 -4.74 13.48
C LEU A 331 11.74 -4.66 13.23
N ASP A 332 11.33 -3.90 12.23
N ASP A 332 11.34 -3.86 12.21
CA ASP A 332 9.93 -3.77 12.01
CA ASP A 332 9.94 -3.72 11.79
C ASP A 332 9.30 -5.08 11.50
C ASP A 332 9.31 -5.06 11.47
N CYS A 333 10.00 -5.81 10.61
CA CYS A 333 9.49 -7.12 10.17
C CYS A 333 9.37 -8.07 11.36
N ALA A 334 10.36 -8.06 12.25
CA ALA A 334 10.36 -8.91 13.42
C ALA A 334 9.22 -8.55 14.34
N MET A 335 8.96 -7.24 14.53
CA MET A 335 7.88 -6.81 15.41
C MET A 335 6.56 -7.33 14.85
N ASP A 336 6.33 -7.13 13.53
CA ASP A 336 5.04 -7.59 12.92
C ASP A 336 4.93 -9.13 12.96
N ALA A 337 6.03 -9.83 12.76
CA ALA A 337 5.99 -11.28 12.84
C ALA A 337 5.60 -11.71 14.25
N CYS A 338 6.22 -11.11 15.26
CA CYS A 338 5.86 -11.39 16.64
C CYS A 338 4.41 -11.07 16.98
N ILE A 339 3.88 -9.93 16.53
CA ILE A 339 2.50 -9.61 16.79
C ILE A 339 1.61 -10.71 16.20
N ASN A 340 1.89 -11.10 14.98
CA ASN A 340 1.01 -12.06 14.30
C ASN A 340 1.11 -13.44 14.89
N LEU A 341 2.25 -13.76 15.52
CA LEU A 341 2.47 -15.04 16.18
C LEU A 341 2.10 -15.06 17.67
N GLY A 342 1.64 -13.91 18.17
CA GLY A 342 1.23 -13.76 19.58
C GLY A 342 2.42 -13.71 20.54
N LEU A 343 3.61 -13.34 20.04
CA LEU A 343 4.79 -13.19 20.88
C LEU A 343 4.93 -11.73 21.27
N LEU A 344 4.09 -11.31 22.19
CA LEU A 344 3.86 -9.91 22.40
C LEU A 344 4.99 -9.25 23.19
N GLU A 345 5.60 -9.96 24.13
CA GLU A 345 6.75 -9.42 24.81
C GLU A 345 7.90 -9.13 23.90
N GLU A 346 8.16 -10.06 23.00
CA GLU A 346 9.23 -9.91 22.05
C GLU A 346 8.90 -8.80 21.05
N ALA A 347 7.65 -8.77 20.60
CA ALA A 347 7.26 -7.73 19.68
C ALA A 347 7.58 -6.36 20.28
N LEU A 348 7.26 -6.18 21.56
CA LEU A 348 7.50 -4.88 22.23
C LEU A 348 8.96 -4.45 22.25
N PHE A 349 9.86 -5.39 22.48
CA PHE A 349 11.31 -5.08 22.45
C PHE A 349 11.70 -4.55 21.08
N TYR A 350 11.31 -5.24 20.02
CA TYR A 350 11.69 -4.76 18.71
C TYR A 350 10.95 -3.44 18.40
N GLY A 351 9.67 -3.37 18.72
CA GLY A 351 8.89 -2.17 18.40
C GLY A 351 9.40 -0.93 19.12
N THR A 352 9.72 -1.07 20.39
N THR A 352 9.71 -1.06 20.40
CA THR A 352 10.19 0.07 21.12
CA THR A 352 10.23 0.10 21.14
C THR A 352 11.53 0.61 20.56
C THR A 352 11.54 0.62 20.54
N ARG A 353 12.38 -0.30 20.07
CA ARG A 353 13.63 0.11 19.43
C ARG A 353 13.38 0.94 18.17
N THR A 354 12.27 0.72 17.48
CA THR A 354 11.99 1.50 16.26
C THR A 354 11.47 2.89 16.54
N MET A 355 11.10 3.21 17.80
CA MET A 355 10.40 4.50 18.05
C MET A 355 11.22 5.71 17.67
N GLU A 356 12.45 5.80 18.15
CA GLU A 356 13.22 7.03 17.87
C GLU A 356 13.63 7.10 16.38
N PRO A 357 14.08 5.98 15.78
CA PRO A 357 14.33 6.06 14.36
C PRO A 357 13.08 6.49 13.56
N TYR A 358 11.90 6.01 13.95
CA TYR A 358 10.71 6.41 13.26
C TYR A 358 10.40 7.89 13.47
N ARG A 359 10.68 8.43 14.65
CA ARG A 359 10.48 9.85 14.87
C ARG A 359 11.33 10.66 13.87
N ILE A 360 12.58 10.18 13.64
CA ILE A 360 13.49 10.88 12.74
C ILE A 360 13.05 10.73 11.28
N PHE A 361 12.71 9.53 10.85
CA PHE A 361 12.53 9.26 9.45
C PHE A 361 11.12 9.47 8.92
N PHE A 362 10.17 9.67 9.83
CA PHE A 362 8.75 9.99 9.46
C PHE A 362 8.31 11.31 10.08
N PRO A 363 8.91 12.41 9.61
CA PRO A 363 8.70 13.67 10.29
C PRO A 363 7.29 14.19 10.14
N GLY A 364 6.91 15.09 11.01
CA GLY A 364 5.57 15.66 10.96
C GLY A 364 4.54 14.59 11.35
N SER A 365 3.50 14.47 10.52
CA SER A 365 2.39 13.56 10.76
C SER A 365 2.37 12.60 9.57
N HIS A 366 2.79 11.36 9.84
CA HIS A 366 2.85 10.33 8.84
C HIS A 366 2.09 9.10 9.36
N PRO A 367 1.14 8.56 8.56
CA PRO A 367 0.31 7.49 9.06
C PRO A 367 1.10 6.25 9.48
N VAL A 368 2.23 5.97 8.81
CA VAL A 368 2.99 4.79 9.15
C VAL A 368 3.58 4.95 10.56
N ARG A 369 4.07 6.15 10.90
CA ARG A 369 4.48 6.37 12.27
C ARG A 369 3.36 6.30 13.26
N GLY A 370 2.24 6.91 12.94
CA GLY A 370 1.08 6.83 13.85
C GLY A 370 0.73 5.40 14.21
N VAL A 371 0.63 4.54 13.19
CA VAL A 371 0.31 3.16 13.38
C VAL A 371 1.39 2.41 14.18
N GLN A 372 2.67 2.70 13.94
CA GLN A 372 3.70 2.01 14.66
C GLN A 372 3.66 2.36 16.13
N VAL A 373 3.50 3.65 16.44
CA VAL A 373 3.41 4.10 17.81
C VAL A 373 2.19 3.48 18.48
N MET A 374 1.04 3.41 17.77
CA MET A 374 -0.13 2.76 18.33
C MET A 374 0.15 1.28 18.66
N LYS A 375 0.84 0.55 17.75
CA LYS A 375 1.19 -0.83 18.02
C LYS A 375 1.98 -0.97 19.30
N VAL A 376 2.96 -0.10 19.48
CA VAL A 376 3.81 -0.19 20.67
C VAL A 376 2.99 0.14 21.91
N GLY A 377 2.16 1.18 21.86
CA GLY A 377 1.33 1.48 23.01
C GLY A 377 0.36 0.37 23.35
N LYS A 378 -0.20 -0.29 22.33
CA LYS A 378 -1.08 -1.42 22.56
C LYS A 378 -0.34 -2.55 23.25
N LEU A 379 0.85 -2.85 22.77
CA LEU A 379 1.66 -3.89 23.40
C LEU A 379 1.92 -3.55 24.85
N GLN A 380 2.30 -2.34 25.14
CA GLN A 380 2.55 -1.94 26.52
C GLN A 380 1.31 -2.04 27.37
N LEU A 381 0.16 -1.64 26.83
CA LEU A 381 -1.08 -1.65 27.58
C LEU A 381 -1.35 -3.08 27.98
N HIS A 382 -1.21 -4.02 27.06
CA HIS A 382 -1.63 -5.35 27.41
C HIS A 382 -0.62 -6.11 28.33
N GLN A 383 0.58 -5.54 28.49
CA GLN A 383 1.57 -6.01 29.44
C GLN A 383 1.51 -5.23 30.75
N GLY A 384 0.53 -4.33 30.88
CA GLY A 384 0.34 -3.59 32.13
C GLY A 384 1.33 -2.50 32.40
N MET A 385 1.98 -1.99 31.34
CA MET A 385 2.95 -0.94 31.45
C MET A 385 2.21 0.38 31.18
N PHE A 386 1.43 0.84 32.15
CA PHE A 386 0.42 1.83 31.86
C PHE A 386 0.99 3.22 31.61
N PRO A 387 1.97 3.68 32.39
CA PRO A 387 2.49 5.04 32.08
C PRO A 387 3.13 5.11 30.67
N GLN A 388 3.84 4.07 30.31
CA GLN A 388 4.49 3.99 29.02
C GLN A 388 3.43 3.92 27.92
N ALA A 389 2.41 3.10 28.14
CA ALA A 389 1.37 2.92 27.14
C ALA A 389 0.66 4.22 26.93
N MET A 390 0.33 4.92 28.02
CA MET A 390 -0.42 6.14 27.88
C MET A 390 0.35 7.18 27.07
N LYS A 391 1.64 7.31 27.31
CA LYS A 391 2.49 8.24 26.55
C LYS A 391 2.41 7.90 25.04
N ASN A 392 2.54 6.63 24.71
CA ASN A 392 2.53 6.22 23.32
C ASN A 392 1.16 6.32 22.68
N LEU A 393 0.13 5.92 23.39
CA LEU A 393 -1.22 6.04 22.82
C LEU A 393 -1.61 7.51 22.58
N ARG A 394 -1.22 8.39 23.50
CA ARG A 394 -1.41 9.83 23.27
C ARG A 394 -0.67 10.34 22.06
N LEU A 395 0.56 9.89 21.86
CA LEU A 395 1.36 10.29 20.71
C LEU A 395 0.76 9.75 19.41
N ALA A 396 0.35 8.48 19.43
CA ALA A 396 -0.32 7.90 18.29
C ALA A 396 -1.53 8.72 17.91
N PHE A 397 -2.30 9.13 18.91
CA PHE A 397 -3.49 9.95 18.65
C PHE A 397 -3.16 11.33 18.07
N ASP A 398 -2.13 11.96 18.62
N ASP A 398 -2.12 11.95 18.57
CA ASP A 398 -1.60 13.23 18.10
CA ASP A 398 -1.68 13.24 18.06
C ASP A 398 -1.40 13.10 16.57
C ASP A 398 -1.27 13.18 16.58
N ILE A 399 -0.74 12.02 16.17
CA ILE A 399 -0.44 11.77 14.76
C ILE A 399 -1.71 11.38 13.98
N MET A 400 -2.42 10.40 14.47
CA MET A 400 -3.47 9.75 13.72
C MET A 400 -4.71 10.63 13.64
N ARG A 401 -4.94 11.54 14.57
CA ARG A 401 -6.03 12.46 14.41
C ARG A 401 -5.87 13.31 13.13
N VAL A 402 -4.62 13.52 12.71
CA VAL A 402 -4.26 14.20 11.48
C VAL A 402 -4.24 13.25 10.28
N THR A 403 -3.62 12.08 10.42
CA THR A 403 -3.39 11.24 9.23
C THR A 403 -4.57 10.32 8.91
N HIS A 404 -5.35 9.93 9.92
CA HIS A 404 -6.44 9.00 9.78
C HIS A 404 -7.78 9.73 9.92
N GLY A 405 -7.96 10.44 11.02
CA GLY A 405 -9.15 11.20 11.31
C GLY A 405 -10.34 10.37 11.73
N ARG A 406 -11.42 11.09 12.05
CA ARG A 406 -12.60 10.46 12.56
C ARG A 406 -13.27 9.50 11.57
N GLU A 407 -13.03 9.70 10.28
CA GLU A 407 -13.66 8.89 9.26
C GLU A 407 -12.98 7.52 9.10
N HIS A 408 -11.85 7.33 9.75
CA HIS A 408 -11.15 6.06 9.71
C HIS A 408 -11.45 5.22 10.98
N SER A 409 -11.85 3.97 10.80
CA SER A 409 -12.25 3.12 11.89
C SER A 409 -11.15 2.87 12.92
N LEU A 410 -9.88 3.01 12.53
CA LEU A 410 -8.82 2.71 13.46
C LEU A 410 -8.77 3.74 14.58
N ILE A 411 -9.26 4.93 14.31
CA ILE A 411 -9.26 5.99 15.32
C ILE A 411 -10.21 5.61 16.45
N GLU A 412 -11.34 5.01 16.12
CA GLU A 412 -12.27 4.51 17.15
C GLU A 412 -11.59 3.45 18.04
N ASP A 413 -10.81 2.55 17.44
CA ASP A 413 -10.05 1.55 18.18
C ASP A 413 -9.06 2.25 19.11
N LEU A 414 -8.37 3.26 18.60
CA LEU A 414 -7.37 3.93 19.40
C LEU A 414 -7.99 4.67 20.61
N ILE A 415 -9.12 5.28 20.39
CA ILE A 415 -9.83 5.98 21.45
C ILE A 415 -10.20 4.98 22.55
N LEU A 416 -10.64 3.78 22.21
CA LEU A 416 -10.93 2.76 23.22
C LEU A 416 -9.71 2.39 24.04
N LEU A 417 -8.56 2.27 23.39
CA LEU A 417 -7.31 1.97 24.09
C LEU A 417 -6.95 3.11 25.05
N LEU A 418 -7.11 4.35 24.59
CA LEU A 418 -6.82 5.50 25.44
C LEU A 418 -7.70 5.46 26.67
N GLU A 419 -9.00 5.19 26.50
CA GLU A 419 -9.92 5.19 27.65
C GLU A 419 -9.56 4.07 28.63
N GLU A 420 -9.20 2.90 28.10
CA GLU A 420 -8.76 1.75 28.91
C GLU A 420 -7.53 2.10 29.70
N CYS A 421 -6.55 2.68 29.04
CA CYS A 421 -5.30 3.00 29.72
C CYS A 421 -5.51 4.09 30.76
N ASP A 422 -6.31 5.09 30.45
CA ASP A 422 -6.57 6.17 31.37
C ASP A 422 -7.13 5.67 32.68
N ALA A 423 -7.95 4.66 32.64
CA ALA A 423 -8.49 4.13 33.86
C ALA A 423 -7.41 3.61 34.88
N ASN A 424 -6.21 3.29 34.38
CA ASN A 424 -5.13 2.78 35.21
C ASN A 424 -4.14 3.83 35.66
N ILE A 425 -4.18 4.99 35.03
CA ILE A 425 -3.20 6.01 35.35
C ILE A 425 -3.82 7.24 35.96
N ARG A 426 -5.16 7.37 35.85
CA ARG A 426 -5.88 8.55 36.33
C ARG A 426 -5.71 8.67 37.82
N ALA A 427 -5.58 9.93 38.25
CA ALA A 427 -5.59 10.29 39.65
C ALA A 427 -6.99 10.04 40.18
ZN ZN B . -14.33 -10.02 3.55
ZN ZN C . 12.54 14.25 -3.76
ZN ZN D . -14.61 -17.26 -8.99
ZN ZN D . -15.73 -16.50 -9.17
N SAM E . 1.17 14.80 -13.25
CA SAM E . 0.28 13.61 -13.32
C SAM E . -0.72 13.74 -14.46
O SAM E . -1.60 12.85 -14.56
OXT SAM E . -0.60 14.71 -15.25
CB SAM E . -0.38 13.28 -11.99
CG SAM E . 0.45 12.34 -11.06
SD SAM E . 0.65 10.74 -11.73
CE SAM E . 0.24 9.62 -10.51
C5' SAM E . 2.36 10.44 -11.75
C4' SAM E . 3.15 11.16 -12.84
O4' SAM E . 3.24 12.57 -12.58
C3' SAM E . 4.60 10.73 -12.94
O3' SAM E . 4.77 9.52 -13.65
C2' SAM E . 5.21 11.93 -13.57
O2' SAM E . 4.86 12.04 -14.98
C1' SAM E . 4.54 13.09 -12.86
N9 SAM E . 5.11 13.48 -11.55
C8 SAM E . 4.62 13.20 -10.31
N7 SAM E . 5.34 13.85 -9.38
C5 SAM E . 6.32 14.57 -10.04
C6 SAM E . 7.37 15.44 -9.61
N6 SAM E . 7.57 15.70 -8.31
N1 SAM E . 8.17 15.98 -10.55
C2 SAM E . 7.94 15.68 -11.85
N3 SAM E . 6.96 14.91 -12.36
C4 SAM E . 6.14 14.34 -11.45
O01 4ZW F . 1.41 2.68 -3.69
C02 4ZW F . 2.04 3.75 -3.63
N03 4ZW F . 3.07 3.81 -2.75
C05 4ZW F . 3.53 2.64 -1.96
C07 4ZW F . 2.64 2.45 -0.74
C10 4ZW F . 3.17 1.31 0.11
N13 4ZW F . 4.58 1.49 0.45
C15 4ZW F . 5.44 1.63 -0.71
C18 4ZW F . 4.98 2.80 -1.56
C21 4ZW F . 1.60 4.92 -4.41
C22 4ZW F . 1.05 4.65 -5.66
C24 4ZW F . 0.57 5.68 -6.44
C25 4ZW F . 0.55 6.97 -5.90
N26 4ZW F . -0.03 7.84 -6.84
C28 4ZW F . -0.46 7.16 -7.96
O29 4ZW F . -1.08 7.64 -8.89
C30 4ZW F . -0.09 5.71 -7.77
C33 4ZW F . 1.04 7.29 -4.64
C35 4ZW F . 1.54 6.23 -3.89
O01 4ZW G . -5.22 29.45 -8.83
C02 4ZW G . -5.39 29.82 -7.70
N03 4ZW G . -4.43 30.38 -6.85
C05 4ZW G . -3.03 30.67 -7.11
C07 4ZW G . -2.02 29.65 -7.52
C10 4ZW G . -0.61 30.23 -7.57
N13 4ZW G . -0.18 31.07 -6.43
C15 4ZW G . -1.15 32.08 -6.02
C18 4ZW G . -2.57 31.54 -5.94
C21 4ZW G . -6.76 29.85 -7.12
C22 4ZW G . -7.82 29.27 -7.81
C24 4ZW G . -9.07 29.37 -7.25
C25 4ZW G . -9.28 30.10 -6.09
N26 4ZW G . -10.65 30.05 -5.75
C28 4ZW G . -11.37 29.29 -6.71
O29 4ZW G . -12.47 29.01 -6.74
C30 4ZW G . -10.37 28.80 -7.77
C33 4ZW G . -8.26 30.73 -5.40
C35 4ZW G . -6.99 30.62 -5.96
C1 EDO H . -0.82 -8.75 26.17
O1 EDO H . 0.51 -9.07 26.45
C2 EDO H . -1.71 -9.97 26.21
O2 EDO H . -2.99 -9.53 25.75
#